data_5Y8X
#
_entry.id   5Y8X
#
_cell.length_a   59.164
_cell.length_b   60.016
_cell.length_c   74.781
_cell.angle_alpha   90.00
_cell.angle_beta   100.42
_cell.angle_gamma   90.00
#
_symmetry.space_group_name_H-M   'P 1 21 1'
#
loop_
_entity.id
_entity.type
_entity.pdbx_description
1 polymer 'Gamma glutamyl transpeptidase'
2 polymer 'Gamma glutamyl transpeptidase'
3 non-polymer 'CALCIUM ION'
4 non-polymer GLYCEROL
5 non-polymer 1,2-ETHANEDIOL
6 non-polymer O-DIAZOACETYL-L-SERINE
7 water water
#
loop_
_entity_poly.entity_id
_entity_poly.type
_entity_poly.pdbx_seq_one_letter_code
_entity_poly.pdbx_strand_id
1 'polypeptide(L)'
;MRRLAFLVVAFCLAVGCFFSPVSKAEGVMSGGDGDKVAVGKDGMVATAHPLASKIGAEVLKKGGNAIDAAIAIQYALNVT
EPMMSGIGGGGFMMVYDGETRETSIINSRERAPEGAKPDMFLDEDGKVIPFSERSRHGNAVGVPGTLKGLEAAHKKWGTK
KMEDLISPSIKLTEEGFPIDSVLADAIKDHQDKLSKTAAKDIFLPDGEPLKEGDILVQKDLAKTFKLIRKEGSKAFYDGE
IGRAIADVVQDFGGSMTPDDLSRYEVTTDKPIWGEYHGYDIASMPPPSSGGVFMLQVLKLIDDFHLSQYDPKSFEKYHLL
AETMHLSYADRAAYAGDPEFVDVPLRGLLDPDYIKERQKLISLDSMNRDVKEGDPWKYEEGEPNYEIVPQPEDKTIGE
;
A
2 'polypeptide(L)'
;TTHFTVTDQWGNVVSYTTTIEQLFGTGILVPGYGLFLNNELTDFDAIPGGANEVQPNKRPLSSMTPTIVFKDEKPVLTVG
SPGGTTIIASVFQTILNYFEYGMSLQDAIEEPRIYTNSLTSYRYESGMPEDVRRKLNDFGHKFGSNPVDIGNVQSIFIDR
ENKTFMGVADSSRNGTAVGVNNKTSAE
;
B
#
loop_
_chem_comp.id
_chem_comp.type
_chem_comp.name
_chem_comp.formula
CA non-polymer 'CALCIUM ION' 'Ca 2'
EDO non-polymer 1,2-ETHANEDIOL 'C2 H6 O2'
GOL non-polymer GLYCEROL 'C3 H8 O3'
#
# COMPACT_ATOMS: atom_id res chain seq x y z
N ASP A 35 -14.59 18.13 1.24
CA ASP A 35 -13.70 17.94 2.41
C ASP A 35 -12.35 17.33 1.97
N LYS A 36 -11.83 17.75 0.81
CA LYS A 36 -10.58 17.23 0.19
C LYS A 36 -9.35 17.78 0.95
N VAL A 37 -9.48 18.99 1.50
CA VAL A 37 -8.44 19.68 2.32
C VAL A 37 -9.06 20.11 3.64
N ALA A 38 -8.33 19.98 4.74
CA ALA A 38 -8.80 20.43 6.06
C ALA A 38 -7.63 20.99 6.84
N VAL A 39 -7.95 21.87 7.78
CA VAL A 39 -7.01 22.43 8.80
C VAL A 39 -7.62 22.14 10.18
N GLY A 40 -6.76 21.92 11.17
CA GLY A 40 -7.17 21.68 12.56
C GLY A 40 -5.99 21.88 13.49
N LYS A 41 -6.26 22.49 14.66
CA LYS A 41 -5.22 22.79 15.67
C LYS A 41 -4.81 21.51 16.39
N ASP A 42 -5.75 20.59 16.66
CA ASP A 42 -5.54 19.56 17.71
C ASP A 42 -5.50 18.15 17.12
N GLY A 43 -5.69 18.01 15.82
CA GLY A 43 -5.62 16.69 15.19
C GLY A 43 -6.10 16.72 13.77
N MET A 44 -5.72 15.69 13.02
CA MET A 44 -6.07 15.59 11.58
C MET A 44 -6.18 14.12 11.23
N VAL A 45 -7.14 13.82 10.38
CA VAL A 45 -7.41 12.48 9.80
C VAL A 45 -7.50 12.70 8.31
N ALA A 46 -6.90 11.82 7.51
CA ALA A 46 -7.12 11.77 6.05
C ALA A 46 -7.22 10.30 5.64
N THR A 47 -8.32 9.94 5.02
CA THR A 47 -8.61 8.54 4.61
C THR A 47 -9.30 8.61 3.26
N ALA A 48 -9.43 7.44 2.62
CA ALA A 48 -10.07 7.26 1.29
C ALA A 48 -11.59 7.18 1.39
N HIS A 49 -12.19 7.11 2.59
CA HIS A 49 -13.66 7.03 2.74
C HIS A 49 -14.15 8.03 3.79
N PRO A 50 -15.14 8.88 3.45
CA PRO A 50 -15.61 9.91 4.39
C PRO A 50 -16.16 9.34 5.70
N LEU A 51 -16.74 8.14 5.68
CA LEU A 51 -17.30 7.53 6.92
C LEU A 51 -16.13 7.10 7.80
N ALA A 52 -14.99 6.70 7.21
CA ALA A 52 -13.82 6.27 8.00
C ALA A 52 -13.14 7.52 8.55
N SER A 53 -13.10 8.62 7.78
CA SER A 53 -12.48 9.88 8.27
C SER A 53 -13.29 10.39 9.47
N LYS A 54 -14.62 10.34 9.39
CA LYS A 54 -15.53 10.83 10.48
C LYS A 54 -15.27 10.02 11.75
N ILE A 55 -15.22 8.71 11.64
CA ILE A 55 -14.98 7.80 12.78
C ILE A 55 -13.59 8.08 13.37
N GLY A 56 -12.56 8.28 12.55
CA GLY A 56 -11.21 8.59 13.06
C GLY A 56 -11.23 9.89 13.83
N ALA A 57 -11.82 10.94 13.25
CA ALA A 57 -11.91 12.28 13.85
C ALA A 57 -12.60 12.18 15.22
N GLU A 58 -13.70 11.44 15.27
CA GLU A 58 -14.53 11.29 16.50
C GLU A 58 -13.66 10.67 17.58
N VAL A 59 -12.77 9.72 17.25
CA VAL A 59 -11.88 9.12 18.30
C VAL A 59 -11.00 10.25 18.86
N LEU A 60 -10.43 11.10 18.00
CA LEU A 60 -9.59 12.24 18.46
C LEU A 60 -10.44 13.25 19.24
N LYS A 61 -11.66 13.55 18.75
CA LYS A 61 -12.61 14.47 19.44
C LYS A 61 -12.90 13.94 20.87
N LYS A 62 -12.90 12.62 21.07
CA LYS A 62 -13.19 12.01 22.39
C LYS A 62 -11.89 11.81 23.19
N GLY A 63 -10.74 12.32 22.73
CA GLY A 63 -9.49 12.32 23.52
C GLY A 63 -8.64 11.09 23.26
N GLY A 64 -9.01 10.28 22.27
CA GLY A 64 -8.16 9.16 21.80
C GLY A 64 -6.94 9.69 21.08
N ASN A 65 -5.88 8.89 20.99
CA ASN A 65 -4.65 9.30 20.27
C ASN A 65 -4.72 8.83 18.81
N ALA A 66 -3.69 9.12 18.03
CA ALA A 66 -3.64 8.85 16.58
C ALA A 66 -3.73 7.35 16.33
N ILE A 67 -3.19 6.53 17.25
CA ILE A 67 -3.20 5.05 17.15
C ILE A 67 -4.62 4.55 17.41
N ASP A 68 -5.28 5.05 18.47
CA ASP A 68 -6.72 4.79 18.74
C ASP A 68 -7.49 5.06 17.45
N ALA A 69 -7.28 6.24 16.87
CA ALA A 69 -8.07 6.67 15.69
C ALA A 69 -7.72 5.73 14.52
N ALA A 70 -6.45 5.37 14.33
CA ALA A 70 -6.02 4.55 13.18
C ALA A 70 -6.68 3.17 13.24
N ILE A 71 -6.83 2.61 14.45
CA ILE A 71 -7.45 1.27 14.67
C ILE A 71 -8.92 1.40 14.26
N ALA A 72 -9.59 2.46 14.72
CA ALA A 72 -11.01 2.70 14.40
C ALA A 72 -11.12 2.80 12.88
N ILE A 73 -10.15 3.47 12.27
CA ILE A 73 -10.18 3.74 10.81
C ILE A 73 -10.04 2.42 10.06
N GLN A 74 -9.13 1.52 10.47
CA GLN A 74 -8.94 0.24 9.75
C GLN A 74 -10.23 -0.57 9.79
N TYR A 75 -10.92 -0.61 10.93
CA TYR A 75 -12.20 -1.36 11.04
C TYR A 75 -13.21 -0.70 10.10
N ALA A 76 -13.26 0.63 10.08
CA ALA A 76 -14.28 1.37 9.29
C ALA A 76 -14.04 1.18 7.79
N LEU A 77 -12.79 1.26 7.36
CA LEU A 77 -12.43 0.96 5.95
C LEU A 77 -12.75 -0.50 5.62
N ASN A 78 -12.57 -1.43 6.55
CA ASN A 78 -12.85 -2.87 6.30
C ASN A 78 -14.32 -3.01 5.86
N VAL A 79 -15.21 -2.18 6.44
CA VAL A 79 -16.67 -2.18 6.17
C VAL A 79 -17.02 -1.34 4.94
N THR A 80 -16.46 -0.14 4.81
CA THR A 80 -16.91 0.90 3.83
C THR A 80 -16.13 0.79 2.51
N GLU A 81 -14.91 0.26 2.56
CA GLU A 81 -14.00 0.09 1.39
C GLU A 81 -13.52 -1.35 1.43
N PRO A 82 -14.46 -2.32 1.45
CA PRO A 82 -14.12 -3.72 1.65
C PRO A 82 -13.23 -4.31 0.56
N MET A 83 -13.17 -3.70 -0.64
CA MET A 83 -12.31 -4.23 -1.72
C MET A 83 -10.81 -3.92 -1.47
N MET A 84 -10.48 -2.98 -0.59
CA MET A 84 -9.10 -2.41 -0.50
C MET A 84 -8.32 -2.91 0.71
N SER A 85 -8.96 -3.37 1.78
CA SER A 85 -8.19 -3.68 3.01
C SER A 85 -9.12 -4.28 4.05
N GLY A 86 -8.54 -4.88 5.09
CA GLY A 86 -9.27 -5.36 6.27
C GLY A 86 -8.61 -6.54 6.94
N ILE A 87 -9.34 -7.19 7.84
CA ILE A 87 -8.76 -8.25 8.70
C ILE A 87 -8.50 -9.51 7.87
N GLY A 88 -8.92 -9.55 6.61
CA GLY A 88 -8.50 -10.60 5.65
C GLY A 88 -7.16 -10.34 4.97
N GLY A 89 -6.45 -9.27 5.35
CA GLY A 89 -5.23 -8.84 4.64
C GLY A 89 -4.08 -8.52 5.59
N GLY A 90 -3.29 -7.50 5.23
CA GLY A 90 -2.07 -7.10 5.95
C GLY A 90 -1.61 -5.73 5.53
N GLY A 91 -0.76 -5.12 6.34
CA GLY A 91 -0.37 -3.72 6.15
C GLY A 91 0.90 -3.40 6.88
N PHE A 92 1.32 -2.15 6.70
CA PHE A 92 2.51 -1.54 7.32
C PHE A 92 2.02 -0.25 7.96
N MET A 93 2.06 -0.20 9.28
CA MET A 93 1.59 0.97 10.07
C MET A 93 2.82 1.67 10.64
N MET A 94 3.21 2.80 10.03
CA MET A 94 4.36 3.56 10.57
C MET A 94 3.84 4.50 11.66
N VAL A 95 4.51 4.47 12.80
CA VAL A 95 4.11 5.29 13.97
C VAL A 95 5.31 6.10 14.42
N TYR A 96 5.14 7.41 14.42
CA TYR A 96 6.02 8.30 15.20
C TYR A 96 5.36 8.53 16.56
N ASP A 97 6.09 8.14 17.61
CA ASP A 97 5.73 8.24 19.04
C ASP A 97 6.13 9.64 19.56
N GLY A 98 5.17 10.52 19.78
CA GLY A 98 5.42 11.89 20.28
C GLY A 98 6.04 11.91 21.67
N GLU A 99 5.93 10.83 22.45
CA GLU A 99 6.53 10.75 23.80
C GLU A 99 8.00 10.33 23.69
N THR A 100 8.31 9.21 23.02
CA THR A 100 9.67 8.64 23.00
C THR A 100 10.46 9.27 21.85
N ARG A 101 9.76 9.88 20.89
CA ARG A 101 10.33 10.45 19.64
C ARG A 101 10.93 9.35 18.77
N GLU A 102 10.45 8.12 18.92
CA GLU A 102 10.87 6.97 18.10
C GLU A 102 9.86 6.72 16.98
N THR A 103 10.36 6.35 15.80
CA THR A 103 9.52 5.93 14.65
C THR A 103 9.70 4.44 14.51
N SER A 104 8.59 3.72 14.49
CA SER A 104 8.59 2.26 14.26
C SER A 104 7.43 1.87 13.35
N ILE A 105 7.44 0.63 12.87
CA ILE A 105 6.42 0.13 11.92
C ILE A 105 5.86 -1.18 12.47
N ILE A 106 4.57 -1.25 12.64
CA ILE A 106 3.88 -2.54 12.92
C ILE A 106 3.65 -3.21 11.56
N ASN A 107 4.36 -4.30 11.36
CA ASN A 107 4.45 -5.05 10.08
C ASN A 107 3.52 -6.25 10.20
N SER A 108 2.32 -6.16 9.61
CA SER A 108 1.30 -7.23 9.55
C SER A 108 1.21 -7.82 8.14
N ARG A 109 2.29 -7.78 7.37
CA ARG A 109 2.35 -8.46 6.07
C ARG A 109 2.02 -9.95 6.27
N GLU A 110 1.23 -10.50 5.35
CA GLU A 110 0.79 -11.91 5.37
C GLU A 110 1.99 -12.84 5.14
N ARG A 111 1.87 -14.07 5.63
CA ARG A 111 2.90 -15.13 5.45
C ARG A 111 2.29 -16.27 4.63
N ALA A 112 3.09 -16.83 3.74
CA ALA A 112 2.74 -18.07 3.04
C ALA A 112 2.49 -19.14 4.10
N PRO A 113 1.44 -19.97 3.96
CA PRO A 113 1.26 -21.13 4.82
C PRO A 113 2.37 -22.18 4.59
N GLU A 114 2.50 -23.14 5.50
CA GLU A 114 3.57 -24.18 5.47
C GLU A 114 3.43 -24.99 4.17
N GLY A 115 2.20 -25.15 3.67
CA GLY A 115 1.91 -25.93 2.46
C GLY A 115 2.30 -25.25 1.16
N ALA A 116 2.61 -23.95 1.16
CA ALA A 116 3.02 -23.24 -0.07
C ALA A 116 4.31 -23.90 -0.58
N LYS A 117 4.51 -23.93 -1.89
CA LYS A 117 5.77 -24.45 -2.48
C LYS A 117 6.29 -23.41 -3.46
N PRO A 118 7.61 -23.36 -3.68
CA PRO A 118 8.19 -22.39 -4.60
C PRO A 118 7.59 -22.37 -6.01
N ASP A 119 7.08 -23.49 -6.49
CA ASP A 119 6.60 -23.64 -7.88
C ASP A 119 5.08 -23.75 -7.91
N MET A 120 4.40 -23.38 -6.85
CA MET A 120 2.93 -23.57 -6.78
C MET A 120 2.20 -22.70 -7.81
N PHE A 121 2.81 -21.67 -8.41
CA PHE A 121 2.15 -20.81 -9.42
C PHE A 121 2.58 -21.24 -10.82
N LEU A 122 3.27 -22.37 -10.95
CA LEU A 122 3.61 -22.97 -12.27
C LEU A 122 2.68 -24.18 -12.53
N ASP A 123 2.30 -24.41 -13.79
CA ASP A 123 1.57 -25.63 -14.21
C ASP A 123 2.57 -26.78 -14.34
N GLU A 124 2.10 -27.94 -14.77
CA GLU A 124 2.95 -29.17 -14.75
C GLU A 124 4.03 -29.09 -15.82
N ASP A 125 3.86 -28.21 -16.81
CA ASP A 125 4.87 -27.94 -17.87
C ASP A 125 5.79 -26.76 -17.48
N GLY A 126 5.71 -26.24 -16.25
CA GLY A 126 6.59 -25.15 -15.78
C GLY A 126 6.21 -23.78 -16.37
N LYS A 127 4.99 -23.63 -16.88
CA LYS A 127 4.49 -22.33 -17.40
C LYS A 127 3.76 -21.60 -16.26
N VAL A 128 3.96 -20.29 -16.18
CA VAL A 128 3.28 -19.44 -15.17
C VAL A 128 1.78 -19.56 -15.37
N ILE A 129 1.05 -19.84 -14.30
CA ILE A 129 -0.45 -19.89 -14.35
C ILE A 129 -0.92 -18.46 -14.53
N PRO A 130 -1.83 -18.18 -15.49
CA PRO A 130 -2.30 -16.82 -15.74
C PRO A 130 -2.78 -16.12 -14.44
N PHE A 131 -2.59 -14.81 -14.38
CA PHE A 131 -2.82 -14.01 -13.14
C PHE A 131 -4.28 -14.07 -12.71
N SER A 132 -5.19 -14.00 -13.68
CA SER A 132 -6.65 -14.01 -13.42
C SER A 132 -7.06 -15.34 -12.78
N GLU A 133 -6.29 -16.41 -13.00
CA GLU A 133 -6.55 -17.72 -12.36
C GLU A 133 -5.82 -17.80 -11.02
N ARG A 134 -4.52 -17.55 -10.94
CA ARG A 134 -3.75 -17.77 -9.68
C ARG A 134 -4.21 -16.76 -8.62
N SER A 135 -4.62 -15.53 -8.99
CA SER A 135 -4.97 -14.46 -8.02
C SER A 135 -6.32 -14.79 -7.35
N ARG A 136 -7.05 -15.78 -7.87
CA ARG A 136 -8.39 -16.17 -7.36
C ARG A 136 -8.34 -17.53 -6.65
N HIS A 137 -7.18 -18.17 -6.57
CA HIS A 137 -7.02 -19.54 -6.00
C HIS A 137 -6.64 -19.48 -4.50
N GLY A 138 -7.07 -20.48 -3.72
CA GLY A 138 -6.70 -20.61 -2.31
C GLY A 138 -5.19 -20.55 -2.10
N ASN A 139 -4.39 -20.97 -3.09
CA ASN A 139 -2.90 -20.90 -2.97
C ASN A 139 -2.44 -19.44 -2.81
N ALA A 140 -3.24 -18.47 -3.26
CA ALA A 140 -2.92 -17.02 -3.25
C ALA A 140 -3.11 -16.43 -1.85
N VAL A 141 -3.86 -17.08 -0.96
CA VAL A 141 -4.24 -16.46 0.36
C VAL A 141 -3.09 -16.58 1.35
N GLY A 142 -2.52 -15.45 1.72
CA GLY A 142 -1.57 -15.33 2.84
C GLY A 142 -2.29 -15.38 4.18
N VAL A 143 -1.59 -15.86 5.20
CA VAL A 143 -2.13 -15.79 6.59
C VAL A 143 -2.34 -14.32 6.93
N PRO A 144 -3.60 -13.87 7.16
CA PRO A 144 -3.86 -12.46 7.45
C PRO A 144 -3.23 -11.94 8.76
N GLY A 145 -2.68 -10.72 8.70
CA GLY A 145 -2.01 -10.12 9.87
C GLY A 145 -2.67 -8.87 10.37
N THR A 146 -3.53 -8.22 9.58
CA THR A 146 -4.08 -6.89 9.94
C THR A 146 -4.59 -6.89 11.39
N LEU A 147 -5.45 -7.84 11.76
CA LEU A 147 -6.00 -7.86 13.16
C LEU A 147 -4.86 -7.97 14.18
N LYS A 148 -3.91 -8.89 14.00
CA LYS A 148 -2.72 -8.98 14.88
C LYS A 148 -2.06 -7.59 14.99
N GLY A 149 -1.92 -6.87 13.87
CA GLY A 149 -1.27 -5.54 13.88
C GLY A 149 -2.03 -4.51 14.69
N LEU A 150 -3.36 -4.44 14.51
CA LEU A 150 -4.23 -3.55 15.33
C LEU A 150 -4.02 -3.81 16.83
N GLU A 151 -3.95 -5.07 17.24
CA GLU A 151 -3.78 -5.45 18.67
C GLU A 151 -2.38 -5.05 19.13
N ALA A 152 -1.35 -5.32 18.33
CA ALA A 152 0.05 -4.95 18.65
C ALA A 152 0.12 -3.43 18.84
N ALA A 153 -0.54 -2.66 17.97
CA ALA A 153 -0.54 -1.19 18.03
C ALA A 153 -1.26 -0.76 19.32
N HIS A 154 -2.42 -1.35 19.57
CA HIS A 154 -3.25 -1.08 20.77
C HIS A 154 -2.45 -1.35 22.05
N LYS A 155 -1.79 -2.51 22.15
CA LYS A 155 -1.00 -2.88 23.36
C LYS A 155 0.01 -1.78 23.62
N LYS A 156 0.65 -1.27 22.57
CA LYS A 156 1.80 -0.33 22.68
C LYS A 156 1.31 1.08 23.02
N TRP A 157 0.27 1.56 22.35
CA TRP A 157 -0.08 3.01 22.30
C TRP A 157 -1.55 3.28 22.64
N GLY A 158 -2.40 2.24 22.65
CA GLY A 158 -3.86 2.34 22.83
C GLY A 158 -4.20 3.02 24.14
N THR A 159 -5.20 3.91 24.12
CA THR A 159 -5.76 4.55 25.34
C THR A 159 -7.28 4.37 25.37
N LYS A 160 -7.94 4.02 24.26
CA LYS A 160 -9.37 3.65 24.24
C LYS A 160 -9.49 2.13 24.29
N LYS A 161 -10.53 1.64 24.97
CA LYS A 161 -10.93 0.20 24.98
C LYS A 161 -11.08 -0.23 23.52
N MET A 162 -10.51 -1.37 23.14
CA MET A 162 -10.69 -1.93 21.78
C MET A 162 -12.17 -1.89 21.40
N GLU A 163 -13.09 -2.09 22.34
CA GLU A 163 -14.55 -2.22 22.04
C GLU A 163 -15.07 -0.88 21.54
N ASP A 164 -14.54 0.25 22.02
CA ASP A 164 -14.98 1.60 21.57
C ASP A 164 -14.51 1.82 20.14
N LEU A 165 -13.43 1.17 19.75
CA LEU A 165 -12.77 1.41 18.43
C LEU A 165 -13.44 0.56 17.37
N ILE A 166 -13.87 -0.66 17.71
CA ILE A 166 -14.48 -1.58 16.69
C ILE A 166 -15.99 -1.28 16.56
N SER A 167 -16.67 -0.79 17.61
CA SER A 167 -18.15 -0.66 17.65
C SER A 167 -18.72 0.23 16.54
N PRO A 168 -18.10 1.37 16.17
CA PRO A 168 -18.67 2.19 15.08
C PRO A 168 -18.77 1.39 13.77
N SER A 169 -17.87 0.42 13.61
CA SER A 169 -17.79 -0.43 12.39
C SER A 169 -18.84 -1.55 12.46
N ILE A 170 -19.09 -2.07 13.66
CA ILE A 170 -20.20 -3.06 13.87
C ILE A 170 -21.51 -2.41 13.38
N LYS A 171 -21.74 -1.15 13.75
CA LYS A 171 -22.97 -0.38 13.42
C LYS A 171 -23.11 -0.25 11.90
N LEU A 172 -22.06 0.20 11.21
CA LEU A 172 -22.04 0.33 9.73
C LEU A 172 -22.28 -1.03 9.05
N THR A 173 -21.69 -2.10 9.57
CA THR A 173 -21.84 -3.47 9.03
C THR A 173 -23.28 -3.95 9.27
N GLU A 174 -23.75 -3.79 10.50
CA GLU A 174 -25.07 -4.23 11.02
C GLU A 174 -26.21 -3.47 10.32
N GLU A 175 -26.20 -2.13 10.35
CA GLU A 175 -27.31 -1.26 9.91
C GLU A 175 -27.12 -0.84 8.45
N GLY A 176 -25.91 -0.98 7.93
CA GLY A 176 -25.60 -0.71 6.52
C GLY A 176 -25.25 0.75 6.30
N PHE A 177 -24.75 1.04 5.10
CA PHE A 177 -24.39 2.39 4.62
C PHE A 177 -24.56 2.39 3.11
N PRO A 178 -24.82 3.56 2.51
CA PRO A 178 -24.98 3.67 1.07
C PRO A 178 -23.58 3.64 0.42
N ILE A 179 -23.37 2.79 -0.57
CA ILE A 179 -22.00 2.62 -1.15
C ILE A 179 -21.65 3.81 -2.06
N ASP A 180 -20.35 4.13 -2.09
CA ASP A 180 -19.77 5.24 -2.88
C ASP A 180 -19.49 4.70 -4.28
N SER A 181 -19.10 5.61 -5.19
CA SER A 181 -18.84 5.34 -6.62
C SER A 181 -17.68 4.36 -6.77
N VAL A 182 -16.65 4.49 -5.93
CA VAL A 182 -15.44 3.63 -6.10
C VAL A 182 -15.81 2.19 -5.72
N LEU A 183 -16.61 2.00 -4.65
CA LEU A 183 -17.05 0.63 -4.26
C LEU A 183 -17.99 0.10 -5.35
N ALA A 184 -18.94 0.91 -5.86
CA ALA A 184 -19.89 0.49 -6.92
C ALA A 184 -19.13 0.07 -8.21
N ASP A 185 -18.17 0.88 -8.63
CA ASP A 185 -17.23 0.58 -9.76
C ASP A 185 -16.47 -0.72 -9.48
N ALA A 186 -15.92 -0.88 -8.28
CA ALA A 186 -15.17 -2.11 -7.91
C ALA A 186 -16.09 -3.33 -8.05
N ILE A 187 -17.32 -3.28 -7.53
CA ILE A 187 -18.23 -4.46 -7.60
C ILE A 187 -18.47 -4.83 -9.08
N LYS A 188 -18.75 -3.82 -9.90
CA LYS A 188 -19.00 -3.97 -11.36
C LYS A 188 -17.78 -4.61 -12.03
N ASP A 189 -16.59 -4.06 -11.80
CA ASP A 189 -15.34 -4.51 -12.47
C ASP A 189 -14.96 -5.93 -12.01
N HIS A 190 -15.33 -6.36 -10.81
CA HIS A 190 -14.87 -7.63 -10.24
C HIS A 190 -16.04 -8.62 -10.11
N GLN A 191 -17.16 -8.37 -10.81
CA GLN A 191 -18.35 -9.25 -10.65
C GLN A 191 -18.05 -10.68 -11.13
N ASP A 192 -17.25 -10.89 -12.17
CA ASP A 192 -16.90 -12.28 -12.56
C ASP A 192 -16.37 -12.99 -11.31
N LYS A 193 -15.29 -12.48 -10.72
CA LYS A 193 -14.58 -13.09 -9.57
C LYS A 193 -15.57 -13.30 -8.40
N LEU A 194 -16.36 -12.28 -8.07
CA LEU A 194 -17.30 -12.26 -6.91
C LEU A 194 -18.46 -13.26 -7.14
N SER A 195 -18.83 -13.51 -8.39
CA SER A 195 -19.96 -14.42 -8.77
C SER A 195 -19.64 -15.86 -8.38
N LYS A 196 -18.36 -16.24 -8.31
CA LYS A 196 -17.96 -17.65 -8.03
C LYS A 196 -17.73 -17.87 -6.55
N THR A 197 -18.03 -16.92 -5.67
CA THR A 197 -17.75 -17.10 -4.22
C THR A 197 -18.97 -16.69 -3.40
N ALA A 198 -18.91 -16.89 -2.08
CA ALA A 198 -20.01 -16.54 -1.16
C ALA A 198 -20.23 -15.03 -1.15
N ALA A 199 -19.38 -14.26 -1.84
CA ALA A 199 -19.51 -12.79 -1.98
C ALA A 199 -20.76 -12.45 -2.81
N LYS A 200 -21.12 -13.30 -3.78
CA LYS A 200 -22.20 -12.99 -4.77
C LYS A 200 -23.50 -12.66 -4.03
N ASP A 201 -23.73 -13.25 -2.87
CA ASP A 201 -25.00 -13.12 -2.12
C ASP A 201 -25.12 -11.70 -1.56
N ILE A 202 -24.00 -11.06 -1.18
CA ILE A 202 -24.00 -9.74 -0.49
C ILE A 202 -23.82 -8.61 -1.52
N PHE A 203 -22.97 -8.82 -2.53
CA PHE A 203 -22.49 -7.76 -3.46
C PHE A 203 -23.19 -7.90 -4.81
N LEU A 204 -23.64 -9.10 -5.19
CA LEU A 204 -24.36 -9.32 -6.48
C LEU A 204 -25.78 -9.84 -6.21
N PRO A 205 -26.62 -9.13 -5.42
CA PRO A 205 -27.98 -9.61 -5.14
C PRO A 205 -28.79 -9.74 -6.44
N ASP A 206 -29.53 -10.84 -6.59
CA ASP A 206 -30.34 -11.13 -7.82
C ASP A 206 -29.39 -11.10 -9.02
N GLY A 207 -28.13 -11.53 -8.82
CA GLY A 207 -27.06 -11.58 -9.83
C GLY A 207 -26.69 -10.21 -10.39
N GLU A 208 -27.04 -9.13 -9.69
CA GLU A 208 -26.80 -7.74 -10.19
C GLU A 208 -25.91 -6.98 -9.19
N PRO A 209 -24.86 -6.28 -9.69
CA PRO A 209 -23.99 -5.47 -8.84
C PRO A 209 -24.74 -4.35 -8.10
N LEU A 210 -24.48 -4.21 -6.79
CA LEU A 210 -24.92 -3.01 -6.05
C LEU A 210 -24.36 -1.80 -6.80
N LYS A 211 -25.12 -0.72 -6.82
CA LYS A 211 -24.79 0.52 -7.57
C LYS A 211 -24.70 1.63 -6.54
N GLU A 212 -24.04 2.74 -6.89
CA GLU A 212 -23.78 3.88 -6.00
C GLU A 212 -25.09 4.28 -5.33
N GLY A 213 -25.07 4.45 -4.00
CA GLY A 213 -26.23 4.83 -3.18
C GLY A 213 -26.98 3.63 -2.61
N ASP A 214 -26.88 2.45 -3.19
CA ASP A 214 -27.50 1.21 -2.65
C ASP A 214 -26.94 1.01 -1.24
N ILE A 215 -27.76 0.46 -0.34
CA ILE A 215 -27.31 0.17 1.05
C ILE A 215 -26.60 -1.18 1.02
N LEU A 216 -25.40 -1.20 1.55
CA LEU A 216 -24.61 -2.43 1.77
C LEU A 216 -24.75 -2.82 3.24
N VAL A 217 -25.38 -3.95 3.50
CA VAL A 217 -25.55 -4.50 4.87
C VAL A 217 -24.65 -5.73 4.95
N GLN A 218 -23.84 -5.84 6.01
CA GLN A 218 -22.85 -6.93 6.13
C GLN A 218 -23.04 -7.56 7.51
N LYS A 219 -24.13 -8.32 7.66
CA LYS A 219 -24.52 -8.94 8.94
C LYS A 219 -23.40 -9.89 9.39
N ASP A 220 -22.89 -10.71 8.48
CA ASP A 220 -21.90 -11.75 8.86
C ASP A 220 -20.62 -11.02 9.31
N LEU A 221 -20.28 -9.91 8.66
CA LEU A 221 -19.09 -9.13 9.05
C LEU A 221 -19.30 -8.51 10.43
N ALA A 222 -20.49 -7.94 10.69
CA ALA A 222 -20.87 -7.43 12.04
C ALA A 222 -20.65 -8.53 13.09
N LYS A 223 -21.11 -9.74 12.79
CA LYS A 223 -20.97 -10.89 13.73
C LYS A 223 -19.50 -11.18 13.99
N THR A 224 -18.68 -11.20 12.94
CA THR A 224 -17.22 -11.43 13.06
C THR A 224 -16.61 -10.33 13.93
N PHE A 225 -17.05 -9.08 13.77
CA PHE A 225 -16.51 -7.94 14.57
C PHE A 225 -16.97 -8.08 16.03
N LYS A 226 -18.22 -8.47 16.26
CA LYS A 226 -18.73 -8.80 17.61
C LYS A 226 -17.89 -9.90 18.28
N LEU A 227 -17.58 -11.00 17.58
CA LEU A 227 -16.71 -12.08 18.15
C LEU A 227 -15.36 -11.49 18.56
N ILE A 228 -14.76 -10.67 17.69
CA ILE A 228 -13.44 -10.07 17.99
C ILE A 228 -13.63 -9.12 19.18
N ARG A 229 -14.69 -8.33 19.18
CA ARG A 229 -14.93 -7.41 20.31
C ARG A 229 -15.02 -8.19 21.63
N LYS A 230 -15.63 -9.38 21.63
CA LYS A 230 -15.88 -10.19 22.85
C LYS A 230 -14.60 -10.93 23.26
N GLU A 231 -13.94 -11.60 22.32
CA GLU A 231 -12.85 -12.57 22.61
C GLU A 231 -11.47 -11.98 22.28
N GLY A 232 -11.40 -10.91 21.50
CA GLY A 232 -10.13 -10.44 20.90
C GLY A 232 -9.67 -11.38 19.82
N SER A 233 -8.44 -11.23 19.37
CA SER A 233 -7.93 -11.88 18.15
C SER A 233 -7.81 -13.40 18.32
N LYS A 234 -7.91 -13.98 19.53
CA LYS A 234 -7.81 -15.46 19.63
C LYS A 234 -8.97 -16.10 18.83
N ALA A 235 -10.12 -15.43 18.71
CA ALA A 235 -11.26 -15.88 17.87
C ALA A 235 -10.80 -16.04 16.42
N PHE A 236 -9.85 -15.22 16.00
CA PHE A 236 -9.30 -15.24 14.61
C PHE A 236 -8.18 -16.27 14.50
N TYR A 237 -7.09 -16.09 15.26
CA TYR A 237 -5.82 -16.84 15.07
C TYR A 237 -5.82 -18.23 15.75
N ASP A 238 -6.76 -18.48 16.68
CA ASP A 238 -6.86 -19.75 17.45
C ASP A 238 -8.34 -20.08 17.71
N GLY A 239 -9.22 -19.88 16.74
CA GLY A 239 -10.68 -19.85 16.99
C GLY A 239 -11.49 -20.11 15.74
N GLU A 240 -12.81 -19.98 15.85
CA GLU A 240 -13.78 -20.36 14.81
C GLU A 240 -13.52 -19.56 13.52
N ILE A 241 -13.06 -18.30 13.62
CA ILE A 241 -12.83 -17.48 12.38
C ILE A 241 -11.64 -18.11 11.65
N GLY A 242 -10.55 -18.40 12.37
CA GLY A 242 -9.37 -19.08 11.80
C GLY A 242 -9.74 -20.39 11.12
N ARG A 243 -10.51 -21.23 11.81
CA ARG A 243 -10.96 -22.53 11.26
C ARG A 243 -11.75 -22.28 9.96
N ALA A 244 -12.69 -21.31 9.93
CA ALA A 244 -13.49 -21.03 8.71
C ALA A 244 -12.60 -20.52 7.58
N ILE A 245 -11.65 -19.62 7.89
CA ILE A 245 -10.62 -19.19 6.91
C ILE A 245 -9.90 -20.42 6.32
N ALA A 246 -9.29 -21.28 7.16
CA ALA A 246 -8.55 -22.48 6.70
C ALA A 246 -9.47 -23.33 5.81
N ASP A 247 -10.72 -23.54 6.24
CA ASP A 247 -11.68 -24.43 5.52
C ASP A 247 -11.98 -23.87 4.11
N VAL A 248 -12.31 -22.58 3.99
CA VAL A 248 -12.61 -21.97 2.65
C VAL A 248 -11.32 -21.87 1.81
N VAL A 249 -10.15 -21.59 2.41
CA VAL A 249 -8.89 -21.60 1.61
C VAL A 249 -8.73 -22.99 0.98
N GLN A 250 -8.91 -24.06 1.77
CA GLN A 250 -8.77 -25.46 1.28
C GLN A 250 -9.86 -25.71 0.23
N ASP A 251 -11.06 -25.15 0.39
CA ASP A 251 -12.17 -25.30 -0.59
C ASP A 251 -11.71 -24.75 -1.94
N PHE A 252 -10.92 -23.68 -1.95
CA PHE A 252 -10.43 -23.05 -3.19
C PHE A 252 -9.03 -23.55 -3.54
N GLY A 253 -8.54 -24.63 -2.93
CA GLY A 253 -7.38 -25.36 -3.45
C GLY A 253 -6.08 -25.03 -2.74
N GLY A 254 -6.15 -24.22 -1.69
CA GLY A 254 -4.99 -23.78 -0.90
C GLY A 254 -4.67 -24.73 0.23
N SER A 255 -3.52 -24.55 0.88
CA SER A 255 -2.96 -25.50 1.87
C SER A 255 -3.12 -24.98 3.31
N MET A 256 -3.63 -23.76 3.51
CA MET A 256 -3.60 -23.07 4.83
C MET A 256 -4.42 -23.88 5.85
N THR A 257 -3.87 -24.10 7.03
CA THR A 257 -4.54 -24.83 8.15
C THR A 257 -4.66 -23.90 9.34
N PRO A 258 -5.46 -24.26 10.37
CA PRO A 258 -5.42 -23.57 11.65
C PRO A 258 -4.03 -23.40 12.30
N ASP A 259 -3.10 -24.31 12.05
CA ASP A 259 -1.70 -24.25 12.60
C ASP A 259 -0.97 -23.06 11.98
N ASP A 260 -1.26 -22.74 10.71
CA ASP A 260 -0.65 -21.57 10.01
C ASP A 260 -1.12 -20.28 10.70
N LEU A 261 -2.42 -20.19 10.99
CA LEU A 261 -3.03 -19.02 11.68
C LEU A 261 -2.49 -18.91 13.11
N SER A 262 -2.31 -20.03 13.81
CA SER A 262 -1.83 -20.00 15.21
CA SER A 262 -1.82 -20.04 15.21
C SER A 262 -0.33 -19.63 15.24
N ARG A 263 0.41 -19.87 14.17
CA ARG A 263 1.86 -19.54 14.14
C ARG A 263 2.06 -18.03 13.97
N TYR A 264 1.10 -17.34 13.34
CA TYR A 264 1.31 -15.97 12.84
C TYR A 264 1.56 -15.01 14.01
N GLU A 265 2.56 -14.15 13.87
CA GLU A 265 2.78 -12.95 14.71
C GLU A 265 3.23 -11.81 13.79
N VAL A 266 2.88 -10.58 14.13
CA VAL A 266 3.41 -9.38 13.43
C VAL A 266 4.85 -9.18 13.88
N THR A 267 5.60 -8.36 13.15
CA THR A 267 6.94 -7.91 13.55
C THR A 267 6.89 -6.39 13.73
N THR A 268 7.92 -5.87 14.38
CA THR A 268 8.16 -4.41 14.51
C THR A 268 9.45 -4.10 13.78
N ASP A 269 9.35 -3.25 12.77
CA ASP A 269 10.48 -2.79 11.94
C ASP A 269 10.89 -1.36 12.31
N LYS A 270 12.17 -1.07 12.16
CA LYS A 270 12.69 0.32 12.06
C LYS A 270 12.48 0.79 10.62
N PRO A 271 12.21 2.09 10.42
CA PRO A 271 12.16 2.64 9.06
C PRO A 271 13.52 2.47 8.35
N ILE A 272 13.49 2.40 7.04
CA ILE A 272 14.66 2.81 6.19
C ILE A 272 14.62 4.34 6.08
N TRP A 273 15.76 4.98 6.30
CA TRP A 273 15.91 6.45 6.33
C TRP A 273 16.71 6.89 5.12
N GLY A 274 16.34 8.01 4.50
CA GLY A 274 17.20 8.69 3.53
C GLY A 274 17.07 10.18 3.70
N GLU A 275 18.10 10.92 3.28
CA GLU A 275 18.11 12.39 3.25
C GLU A 275 17.67 12.86 1.88
N TYR A 276 16.82 13.86 1.84
CA TYR A 276 16.42 14.51 0.57
C TYR A 276 16.08 15.98 0.83
N HIS A 277 16.81 16.86 0.14
CA HIS A 277 16.48 18.30 0.05
C HIS A 277 16.47 18.97 1.43
N GLY A 278 17.26 18.45 2.38
CA GLY A 278 17.35 19.02 3.74
C GLY A 278 16.37 18.35 4.70
N TYR A 279 15.67 17.32 4.26
CA TYR A 279 14.69 16.58 5.09
C TYR A 279 15.23 15.16 5.30
N ASP A 280 14.79 14.52 6.37
CA ASP A 280 15.03 13.10 6.65
C ASP A 280 13.72 12.37 6.37
N ILE A 281 13.79 11.34 5.55
CA ILE A 281 12.59 10.58 5.13
C ILE A 281 12.66 9.20 5.79
N ALA A 282 11.64 8.89 6.59
CA ALA A 282 11.39 7.55 7.15
C ALA A 282 10.39 6.81 6.23
N SER A 283 10.78 5.65 5.75
CA SER A 283 9.88 4.84 4.91
C SER A 283 10.04 3.35 5.19
N MET A 284 9.35 2.53 4.39
CA MET A 284 9.13 1.10 4.69
C MET A 284 10.29 0.26 4.14
N PRO A 285 11.00 -0.49 5.01
CA PRO A 285 12.06 -1.39 4.57
C PRO A 285 11.52 -2.69 3.96
N PRO A 286 12.39 -3.58 3.42
CA PRO A 286 12.02 -4.96 3.07
C PRO A 286 11.36 -5.58 4.30
N PRO A 287 10.26 -6.35 4.18
CA PRO A 287 9.76 -6.92 2.92
C PRO A 287 8.90 -6.04 1.99
N SER A 288 8.95 -4.71 2.16
CA SER A 288 8.57 -3.80 1.08
C SER A 288 9.79 -3.40 0.26
N SER A 289 9.58 -3.24 -1.04
CA SER A 289 10.46 -2.57 -2.01
C SER A 289 10.25 -1.05 -1.97
N GLY A 290 9.14 -0.61 -1.37
CA GLY A 290 8.65 0.78 -1.39
C GLY A 290 9.67 1.78 -0.87
N GLY A 291 10.05 1.69 0.41
CA GLY A 291 11.02 2.63 1.02
C GLY A 291 12.30 2.75 0.23
N VAL A 292 13.01 1.64 -0.02
CA VAL A 292 14.37 1.74 -0.61
C VAL A 292 14.27 2.35 -2.02
N PHE A 293 13.23 2.01 -2.81
CA PHE A 293 13.18 2.41 -4.25
C PHE A 293 12.56 3.80 -4.38
N MET A 294 11.68 4.20 -3.48
CA MET A 294 11.25 5.62 -3.41
C MET A 294 12.47 6.50 -3.08
N LEU A 295 13.27 6.13 -2.07
CA LEU A 295 14.51 6.85 -1.69
C LEU A 295 15.52 6.80 -2.85
N GLN A 296 15.65 5.69 -3.55
CA GLN A 296 16.65 5.56 -4.64
C GLN A 296 16.30 6.51 -5.78
N VAL A 297 15.02 6.57 -6.16
CA VAL A 297 14.54 7.53 -7.19
C VAL A 297 14.88 8.97 -6.78
N LEU A 298 14.60 9.35 -5.53
CA LEU A 298 14.88 10.73 -5.07
C LEU A 298 16.38 10.98 -5.12
N LYS A 299 17.22 10.05 -4.65
CA LYS A 299 18.69 10.19 -4.75
C LYS A 299 19.12 10.27 -6.22
N LEU A 300 18.55 9.47 -7.12
CA LEU A 300 18.96 9.51 -8.55
C LEU A 300 18.57 10.85 -9.21
N ILE A 301 17.39 11.41 -8.90
CA ILE A 301 16.91 12.64 -9.61
C ILE A 301 17.39 13.92 -8.91
N ASP A 302 17.81 13.84 -7.65
CA ASP A 302 18.09 15.07 -6.87
C ASP A 302 19.06 15.98 -7.65
N ASP A 303 20.13 15.39 -8.17
CA ASP A 303 21.23 16.08 -8.90
C ASP A 303 20.73 16.68 -10.23
N PHE A 304 19.58 16.26 -10.76
CA PHE A 304 19.04 16.78 -12.04
C PHE A 304 18.29 18.10 -11.81
N HIS A 305 18.03 18.50 -10.56
CA HIS A 305 17.32 19.76 -10.23
C HIS A 305 16.10 19.95 -11.13
N LEU A 306 15.10 19.08 -11.03
CA LEU A 306 14.00 18.97 -12.00
C LEU A 306 13.15 20.24 -12.05
N SER A 307 13.04 21.00 -10.96
CA SER A 307 12.24 22.24 -10.91
C SER A 307 12.88 23.35 -11.77
N GLN A 308 14.04 23.12 -12.39
CA GLN A 308 14.51 24.00 -13.49
C GLN A 308 13.60 23.85 -14.72
N TYR A 309 12.85 22.76 -14.82
CA TYR A 309 11.95 22.42 -15.95
C TYR A 309 10.51 22.58 -15.49
N ASP A 310 9.62 22.98 -16.39
CA ASP A 310 8.17 23.01 -16.09
C ASP A 310 7.75 21.65 -15.58
N PRO A 311 6.83 21.57 -14.62
CA PRO A 311 6.30 20.30 -14.16
C PRO A 311 5.65 19.44 -15.24
N LYS A 312 5.21 20.04 -16.36
CA LYS A 312 4.58 19.28 -17.48
C LYS A 312 5.49 19.29 -18.70
N SER A 313 6.79 19.44 -18.49
CA SER A 313 7.82 19.49 -19.56
C SER A 313 8.24 18.07 -19.98
N PHE A 314 8.67 17.96 -21.24
CA PHE A 314 9.32 16.77 -21.83
C PHE A 314 10.47 16.35 -20.90
N GLU A 315 11.26 17.32 -20.47
CA GLU A 315 12.50 17.07 -19.68
C GLU A 315 12.14 16.35 -18.38
N LYS A 316 11.15 16.86 -17.63
CA LYS A 316 10.79 16.26 -16.32
C LYS A 316 10.31 14.81 -16.52
N TYR A 317 9.35 14.61 -17.42
CA TYR A 317 8.76 13.27 -17.68
C TYR A 317 9.85 12.31 -18.16
N HIS A 318 10.73 12.77 -19.06
CA HIS A 318 11.80 11.91 -19.62
C HIS A 318 12.74 11.49 -18.49
N LEU A 319 13.18 12.42 -17.65
CA LEU A 319 14.18 12.09 -16.62
C LEU A 319 13.56 11.16 -15.58
N LEU A 320 12.27 11.36 -15.25
CA LEU A 320 11.56 10.46 -14.29
C LEU A 320 11.41 9.07 -14.91
N ALA A 321 11.04 8.97 -16.19
CA ALA A 321 10.88 7.66 -16.86
C ALA A 321 12.22 6.91 -16.83
N GLU A 322 13.31 7.60 -17.17
CA GLU A 322 14.67 7.00 -17.25
C GLU A 322 15.08 6.53 -15.87
N THR A 323 14.77 7.31 -14.85
CA THR A 323 15.13 6.99 -13.44
C THR A 323 14.30 5.80 -12.97
N MET A 324 12.99 5.84 -13.19
CA MET A 324 12.11 4.71 -12.78
C MET A 324 12.58 3.40 -13.43
N HIS A 325 12.99 3.40 -14.70
CA HIS A 325 13.43 2.17 -15.38
C HIS A 325 14.57 1.52 -14.57
N LEU A 326 15.49 2.33 -14.05
CA LEU A 326 16.66 1.81 -13.31
C LEU A 326 16.24 1.27 -11.94
N SER A 327 15.44 2.04 -11.18
CA SER A 327 15.02 1.64 -9.83
C SER A 327 14.12 0.40 -9.89
N TYR A 328 13.17 0.31 -10.82
CA TYR A 328 12.29 -0.88 -10.94
C TYR A 328 13.12 -2.10 -11.39
N ALA A 329 14.15 -1.93 -12.20
CA ALA A 329 15.01 -3.06 -12.62
C ALA A 329 15.73 -3.60 -11.36
N ASP A 330 16.28 -2.72 -10.51
CA ASP A 330 16.92 -3.11 -9.22
C ASP A 330 15.90 -3.84 -8.34
N ARG A 331 14.68 -3.34 -8.30
CA ARG A 331 13.59 -3.94 -7.48
C ARG A 331 13.34 -5.39 -7.95
N ALA A 332 13.32 -5.64 -9.26
CA ALA A 332 12.97 -6.98 -9.77
C ALA A 332 14.08 -7.98 -9.42
N ALA A 333 15.34 -7.53 -9.29
CA ALA A 333 16.53 -8.40 -9.07
C ALA A 333 16.81 -8.62 -7.58
N TYR A 334 16.57 -7.63 -6.71
CA TYR A 334 17.29 -7.56 -5.41
C TYR A 334 16.37 -7.53 -4.20
N ALA A 335 15.06 -7.53 -4.37
CA ALA A 335 14.14 -7.21 -3.25
C ALA A 335 13.32 -8.46 -2.89
N GLY A 336 13.27 -8.74 -1.59
CA GLY A 336 12.42 -9.81 -1.03
C GLY A 336 12.43 -9.76 0.48
N ASP A 337 11.82 -10.76 1.09
CA ASP A 337 11.66 -10.89 2.56
C ASP A 337 13.04 -11.06 3.17
N PRO A 338 13.50 -10.07 3.98
CA PRO A 338 14.87 -10.08 4.51
C PRO A 338 15.15 -11.20 5.54
N GLU A 339 14.10 -11.89 6.00
CA GLU A 339 14.26 -13.11 6.84
C GLU A 339 14.77 -14.26 5.99
N PHE A 340 14.60 -14.20 4.66
CA PHE A 340 14.93 -15.29 3.71
C PHE A 340 16.11 -14.90 2.82
N VAL A 341 16.21 -13.63 2.44
CA VAL A 341 17.19 -13.21 1.40
C VAL A 341 17.85 -11.93 1.90
N ASP A 342 19.07 -11.65 1.47
CA ASP A 342 19.76 -10.39 1.79
C ASP A 342 19.45 -9.40 0.68
N VAL A 343 18.81 -8.31 1.04
CA VAL A 343 18.57 -7.15 0.13
C VAL A 343 19.73 -6.20 0.36
N PRO A 344 20.47 -5.81 -0.70
CA PRO A 344 21.59 -4.88 -0.55
C PRO A 344 21.18 -3.40 -0.36
N LEU A 345 20.54 -3.07 0.76
CA LEU A 345 20.01 -1.70 1.04
C LEU A 345 21.14 -0.66 1.04
N ARG A 346 22.27 -0.96 1.66
CA ARG A 346 23.43 -0.06 1.75
C ARG A 346 23.91 0.27 0.34
N GLY A 347 24.17 -0.78 -0.44
CA GLY A 347 24.61 -0.69 -1.85
C GLY A 347 23.62 0.08 -2.70
N LEU A 348 22.33 -0.20 -2.56
CA LEU A 348 21.28 0.37 -3.45
C LEU A 348 21.19 1.89 -3.26
N LEU A 349 21.56 2.39 -2.08
CA LEU A 349 21.50 3.84 -1.78
C LEU A 349 22.90 4.46 -1.68
N ASP A 350 23.97 3.69 -1.90
CA ASP A 350 25.35 4.21 -1.78
C ASP A 350 25.54 5.37 -2.76
N PRO A 351 26.09 6.53 -2.34
CA PRO A 351 26.26 7.67 -3.25
C PRO A 351 27.10 7.36 -4.52
N ASP A 352 28.08 6.45 -4.44
CA ASP A 352 28.88 6.01 -5.62
C ASP A 352 28.03 5.12 -6.53
N TYR A 353 27.22 4.23 -5.96
CA TYR A 353 26.26 3.44 -6.75
C TYR A 353 25.31 4.44 -7.46
N ILE A 354 24.75 5.39 -6.72
CA ILE A 354 23.85 6.45 -7.28
C ILE A 354 24.55 7.11 -8.48
N LYS A 355 25.79 7.60 -8.29
CA LYS A 355 26.56 8.31 -9.35
C LYS A 355 26.77 7.39 -10.55
N GLU A 356 27.05 6.10 -10.35
CA GLU A 356 27.24 5.11 -11.44
C GLU A 356 25.95 4.96 -12.26
N ARG A 357 24.81 4.82 -11.59
CA ARG A 357 23.48 4.65 -12.26
C ARG A 357 23.09 5.95 -12.98
N GLN A 358 23.41 7.11 -12.42
CA GLN A 358 23.09 8.43 -13.02
C GLN A 358 23.71 8.60 -14.41
N LYS A 359 24.86 7.95 -14.64
CA LYS A 359 25.58 7.97 -15.93
C LYS A 359 24.70 7.36 -17.02
N LEU A 360 23.68 6.57 -16.68
CA LEU A 360 22.70 6.01 -17.65
C LEU A 360 21.50 6.96 -17.87
N ILE A 361 21.38 8.06 -17.12
CA ILE A 361 20.20 8.98 -17.16
C ILE A 361 20.63 10.26 -17.86
N SER A 362 19.95 10.64 -18.94
CA SER A 362 20.36 11.78 -19.82
C SER A 362 19.20 12.29 -20.67
N LEU A 363 19.19 13.59 -20.95
CA LEU A 363 18.29 14.24 -21.93
C LEU A 363 18.69 13.90 -23.37
N ASP A 364 19.89 13.35 -23.58
CA ASP A 364 20.44 13.10 -24.93
C ASP A 364 19.72 11.94 -25.59
N SER A 365 19.20 10.99 -24.81
CA SER A 365 18.57 9.80 -25.43
C SER A 365 17.77 9.02 -24.39
N MET A 366 17.02 8.06 -24.88
CA MET A 366 16.37 7.07 -24.02
C MET A 366 17.31 5.87 -23.88
N ASN A 367 17.54 5.43 -22.67
CA ASN A 367 18.34 4.23 -22.34
C ASN A 367 17.51 3.00 -22.76
N ARG A 368 17.97 2.24 -23.75
CA ARG A 368 17.26 1.03 -24.27
C ARG A 368 17.84 -0.22 -23.59
N ASP A 369 18.93 -0.09 -22.84
CA ASP A 369 19.59 -1.22 -22.16
C ASP A 369 19.37 -0.98 -20.66
N VAL A 370 18.15 -1.28 -20.23
CA VAL A 370 17.70 -1.12 -18.82
C VAL A 370 17.94 -2.48 -18.15
N LYS A 371 18.74 -2.50 -17.09
CA LYS A 371 18.94 -3.72 -16.29
C LYS A 371 19.32 -3.29 -14.88
N GLU A 372 19.20 -4.19 -13.94
CA GLU A 372 19.65 -3.96 -12.55
C GLU A 372 21.11 -3.49 -12.61
N GLY A 373 21.53 -2.68 -11.64
CA GLY A 373 22.95 -2.38 -11.44
C GLY A 373 23.57 -3.49 -10.60
N ASP A 374 24.76 -3.24 -10.08
CA ASP A 374 25.50 -4.17 -9.19
C ASP A 374 25.74 -3.48 -7.83
N PRO A 375 24.71 -3.35 -6.97
CA PRO A 375 24.89 -2.66 -5.70
C PRO A 375 25.71 -3.49 -4.69
N TRP A 376 25.83 -4.80 -4.94
CA TRP A 376 26.65 -5.74 -4.12
C TRP A 376 28.13 -5.34 -4.15
N LYS A 377 28.52 -4.62 -5.19
CA LYS A 377 29.85 -4.02 -5.37
C LYS A 377 30.12 -3.01 -4.26
N TYR A 378 29.09 -2.51 -3.55
CA TYR A 378 29.20 -1.39 -2.59
C TYR A 378 28.79 -1.86 -1.20
N GLU A 379 28.64 -3.16 -0.97
CA GLU A 379 28.52 -3.62 0.44
C GLU A 379 29.14 -5.00 0.60
N GLU A 380 29.23 -5.44 1.85
CA GLU A 380 29.82 -6.74 2.23
C GLU A 380 28.86 -7.84 1.78
N GLY A 381 29.41 -8.97 1.37
CA GLY A 381 28.63 -10.21 1.18
C GLY A 381 28.18 -10.40 -0.25
N GLU A 382 27.35 -11.44 -0.46
CA GLU A 382 26.87 -11.86 -1.78
C GLU A 382 25.36 -12.09 -1.68
N PRO A 383 24.59 -11.99 -2.78
CA PRO A 383 23.21 -12.44 -2.75
C PRO A 383 23.14 -13.97 -2.59
N ASN A 384 22.11 -14.43 -1.89
CA ASN A 384 21.77 -15.86 -1.70
C ASN A 384 20.55 -16.21 -2.56
N TYR A 385 20.58 -15.82 -3.84
CA TYR A 385 19.52 -16.01 -4.86
C TYR A 385 20.11 -15.75 -6.25
N GLU A 386 19.41 -16.23 -7.28
CA GLU A 386 19.65 -15.90 -8.70
C GLU A 386 18.80 -14.68 -9.09
N ILE A 387 19.08 -14.11 -10.24
CA ILE A 387 18.23 -13.08 -10.89
C ILE A 387 17.40 -13.80 -11.95
N VAL A 388 16.11 -13.92 -11.68
CA VAL A 388 15.15 -14.74 -12.48
C VAL A 388 14.14 -13.81 -13.14
N PRO A 389 14.20 -13.64 -14.48
CA PRO A 389 13.19 -12.87 -15.21
C PRO A 389 11.80 -13.46 -14.99
N GLN A 390 10.80 -12.59 -14.86
CA GLN A 390 9.36 -12.90 -14.61
C GLN A 390 8.56 -12.30 -15.75
N PRO A 391 7.47 -12.93 -16.25
CA PRO A 391 6.60 -12.26 -17.23
C PRO A 391 5.86 -11.09 -16.57
N GLU A 392 5.51 -10.07 -17.35
CA GLU A 392 4.88 -8.82 -16.85
C GLU A 392 3.35 -8.98 -16.85
N ASP A 393 2.78 -9.65 -15.85
CA ASP A 393 1.39 -10.18 -15.92
C ASP A 393 0.52 -9.78 -14.71
N LYS A 394 1.08 -9.12 -13.68
CA LYS A 394 0.35 -8.86 -12.41
C LYS A 394 -0.58 -7.64 -12.58
N THR A 395 -1.89 -7.88 -12.58
CA THR A 395 -3.02 -6.91 -12.47
C THR A 395 -3.71 -6.82 -13.83
N THR B 1 -5.82 -1.84 -2.06
CA THR B 1 -4.94 -1.13 -1.10
C THR B 1 -5.57 0.20 -0.72
N THR B 2 -5.25 0.68 0.48
CA THR B 2 -5.65 2.02 0.93
C THR B 2 -4.56 2.58 1.84
N HIS B 3 -4.41 3.89 1.81
CA HIS B 3 -3.46 4.62 2.65
C HIS B 3 -4.24 5.66 3.44
N PHE B 4 -3.99 5.70 4.75
CA PHE B 4 -4.57 6.77 5.60
C PHE B 4 -3.51 7.21 6.59
N THR B 5 -3.83 8.33 7.21
CA THR B 5 -2.88 9.04 8.10
C THR B 5 -3.64 9.79 9.18
N VAL B 6 -3.02 9.90 10.34
CA VAL B 6 -3.59 10.56 11.55
C VAL B 6 -2.47 11.28 12.29
N THR B 7 -2.74 12.50 12.74
CA THR B 7 -1.91 13.25 13.71
C THR B 7 -2.79 13.66 14.88
N ASP B 8 -2.20 13.66 16.07
CA ASP B 8 -2.93 14.00 17.31
C ASP B 8 -2.24 15.14 18.03
N GLN B 9 -2.87 15.57 19.12
CA GLN B 9 -2.47 16.75 19.90
C GLN B 9 -1.22 16.42 20.73
N TRP B 10 -0.75 15.17 20.75
CA TRP B 10 0.44 14.76 21.55
C TRP B 10 1.64 14.51 20.64
N GLY B 11 1.55 14.88 19.36
CA GLY B 11 2.70 14.78 18.45
C GLY B 11 2.87 13.39 17.85
N ASN B 12 1.99 12.44 18.15
CA ASN B 12 1.99 11.11 17.51
C ASN B 12 1.54 11.29 16.05
N VAL B 13 2.15 10.51 15.18
CA VAL B 13 1.88 10.57 13.72
C VAL B 13 1.77 9.14 13.22
N VAL B 14 0.70 8.84 12.48
CA VAL B 14 0.52 7.49 11.89
C VAL B 14 0.45 7.65 10.37
N SER B 15 1.20 6.79 9.68
CA SER B 15 1.11 6.67 8.20
C SER B 15 0.95 5.18 7.92
N TYR B 16 -0.21 4.77 7.40
CA TYR B 16 -0.66 3.35 7.42
C TYR B 16 -1.21 3.00 6.05
N THR B 17 -0.50 2.10 5.37
CA THR B 17 -0.94 1.51 4.10
C THR B 17 -1.35 0.07 4.39
N THR B 18 -2.48 -0.36 3.85
CA THR B 18 -3.11 -1.65 4.21
C THR B 18 -3.86 -2.18 3.00
N THR B 19 -3.86 -3.50 2.82
CA THR B 19 -4.31 -4.13 1.54
C THR B 19 -4.80 -5.56 1.72
N ILE B 20 -5.57 -6.03 0.75
CA ILE B 20 -5.86 -7.48 0.54
C ILE B 20 -5.42 -7.88 -0.86
N GLU B 21 -4.57 -7.06 -1.48
CA GLU B 21 -3.91 -7.25 -2.80
C GLU B 21 -4.85 -6.75 -3.90
N GLN B 22 -5.47 -7.63 -4.69
CA GLN B 22 -6.41 -7.20 -5.75
C GLN B 22 -7.59 -6.53 -5.07
N LEU B 23 -8.39 -5.77 -5.82
CA LEU B 23 -9.70 -5.39 -5.25
C LEU B 23 -10.44 -6.68 -4.87
N PHE B 24 -10.94 -6.74 -3.64
CA PHE B 24 -11.64 -7.89 -3.02
C PHE B 24 -10.68 -9.09 -2.83
N GLY B 25 -9.38 -8.91 -3.04
CA GLY B 25 -8.39 -9.98 -2.83
C GLY B 25 -8.64 -11.12 -3.80
N THR B 26 -8.65 -12.37 -3.34
CA THR B 26 -9.04 -13.53 -4.18
C THR B 26 -10.51 -13.41 -4.61
N GLY B 27 -11.31 -12.57 -3.95
CA GLY B 27 -12.77 -12.51 -4.11
C GLY B 27 -13.50 -13.49 -3.20
N ILE B 28 -12.77 -14.41 -2.56
CA ILE B 28 -13.31 -15.38 -1.55
C ILE B 28 -13.77 -14.62 -0.32
N LEU B 29 -15.04 -14.80 0.03
CA LEU B 29 -15.62 -14.25 1.26
C LEU B 29 -15.89 -15.43 2.19
N VAL B 30 -15.46 -15.30 3.46
CA VAL B 30 -15.47 -16.44 4.41
C VAL B 30 -16.93 -16.67 4.72
N PRO B 31 -17.51 -17.82 4.29
CA PRO B 31 -18.95 -18.05 4.41
C PRO B 31 -19.36 -17.94 5.89
N GLY B 32 -20.38 -17.13 6.20
CA GLY B 32 -20.82 -16.94 7.59
C GLY B 32 -19.98 -15.95 8.36
N TYR B 33 -18.95 -15.32 7.77
CA TYR B 33 -18.09 -14.35 8.53
C TYR B 33 -17.91 -13.04 7.76
N GLY B 34 -18.25 -13.00 6.46
CA GLY B 34 -18.45 -11.73 5.73
C GLY B 34 -17.15 -11.01 5.38
N LEU B 35 -15.97 -11.61 5.58
CA LEU B 35 -14.68 -10.92 5.32
C LEU B 35 -14.02 -11.50 4.06
N PHE B 36 -13.44 -10.62 3.24
CA PHE B 36 -12.69 -11.01 2.03
C PHE B 36 -11.28 -11.50 2.38
N LEU B 37 -10.81 -12.52 1.67
CA LEU B 37 -9.46 -13.09 1.82
C LEU B 37 -8.51 -12.56 0.76
N ASN B 38 -7.36 -12.05 1.20
CA ASN B 38 -6.27 -11.52 0.35
C ASN B 38 -5.82 -12.54 -0.71
N ASN B 39 -5.22 -12.06 -1.80
CA ASN B 39 -4.44 -12.89 -2.76
C ASN B 39 -2.96 -12.48 -2.64
N GLU B 40 -2.51 -12.07 -1.46
CA GLU B 40 -1.20 -11.39 -1.31
C GLU B 40 -0.08 -12.27 -1.86
N LEU B 41 -0.20 -13.59 -1.82
CA LEU B 41 0.95 -14.46 -2.21
C LEU B 41 1.24 -14.37 -3.73
N THR B 42 0.33 -13.79 -4.55
CA THR B 42 0.66 -13.55 -6.00
C THR B 42 1.64 -12.38 -6.11
N ASP B 43 1.92 -11.67 -5.02
CA ASP B 43 3.01 -10.66 -4.99
C ASP B 43 4.38 -11.35 -5.03
N PHE B 44 4.47 -12.64 -4.70
CA PHE B 44 5.68 -13.46 -4.97
C PHE B 44 5.91 -13.58 -6.48
N ASP B 45 7.18 -13.75 -6.88
CA ASP B 45 7.56 -14.25 -8.23
C ASP B 45 6.90 -15.63 -8.46
N ALA B 46 6.26 -15.82 -9.61
CA ALA B 46 5.69 -17.14 -10.00
C ALA B 46 6.82 -18.11 -10.37
N ILE B 47 7.94 -17.61 -10.88
CA ILE B 47 9.11 -18.45 -11.25
C ILE B 47 10.12 -18.35 -10.13
N PRO B 48 10.44 -19.47 -9.45
CA PRO B 48 11.33 -19.43 -8.30
C PRO B 48 12.81 -19.23 -8.65
N GLY B 49 13.66 -19.13 -7.62
CA GLY B 49 15.11 -18.96 -7.73
C GLY B 49 15.52 -17.57 -7.29
N GLY B 50 14.59 -16.61 -7.36
CA GLY B 50 14.90 -15.21 -7.05
C GLY B 50 14.65 -14.82 -5.60
N ALA B 51 14.99 -13.59 -5.30
CA ALA B 51 14.87 -12.95 -3.98
C ALA B 51 13.43 -13.01 -3.49
N ASN B 52 12.47 -12.88 -4.40
CA ASN B 52 11.02 -12.82 -4.06
C ASN B 52 10.32 -14.12 -4.52
N GLU B 53 11.03 -15.25 -4.53
CA GLU B 53 10.39 -16.56 -4.76
C GLU B 53 9.46 -16.91 -3.58
N VAL B 54 8.44 -17.71 -3.86
CA VAL B 54 7.57 -18.36 -2.87
C VAL B 54 8.44 -19.27 -1.99
N GLN B 55 8.25 -19.15 -0.68
CA GLN B 55 8.71 -20.12 0.35
C GLN B 55 7.64 -20.15 1.43
N PRO B 56 7.47 -21.29 2.11
CA PRO B 56 6.55 -21.37 3.22
C PRO B 56 6.99 -20.38 4.30
N ASN B 57 6.02 -19.72 4.94
CA ASN B 57 6.21 -18.75 6.04
C ASN B 57 6.97 -17.51 5.59
N LYS B 58 7.18 -17.31 4.29
CA LYS B 58 7.82 -16.09 3.74
C LYS B 58 6.72 -15.06 3.47
N ARG B 59 7.06 -13.78 3.59
CA ARG B 59 6.19 -12.64 3.22
C ARG B 59 6.49 -12.24 1.79
N PRO B 60 5.47 -12.15 0.93
CA PRO B 60 5.68 -11.70 -0.45
C PRO B 60 6.05 -10.21 -0.44
N LEU B 61 6.96 -9.85 -1.33
CA LEU B 61 7.44 -8.47 -1.53
C LEU B 61 6.25 -7.57 -1.83
N SER B 62 6.19 -6.44 -1.14
CA SER B 62 5.18 -5.37 -1.26
C SER B 62 5.85 -4.19 -1.98
N SER B 63 5.05 -3.23 -2.43
CA SER B 63 5.52 -1.92 -2.90
C SER B 63 4.94 -0.82 -2.01
N MET B 64 4.22 -1.18 -0.94
CA MET B 64 3.59 -0.23 -0.02
C MET B 64 4.69 0.61 0.63
N THR B 65 4.45 1.91 0.69
CA THR B 65 5.47 2.96 0.98
C THR B 65 4.91 3.97 1.97
N PRO B 66 4.42 3.55 3.15
CA PRO B 66 4.03 4.51 4.17
C PRO B 66 5.30 5.28 4.58
N THR B 67 5.17 6.59 4.65
CA THR B 67 6.32 7.50 4.74
C THR B 67 6.01 8.64 5.70
N ILE B 68 7.01 9.03 6.48
CA ILE B 68 6.98 10.28 7.27
C ILE B 68 8.27 11.06 6.96
N VAL B 69 8.10 12.32 6.58
CA VAL B 69 9.20 13.25 6.24
C VAL B 69 9.42 14.10 7.49
N PHE B 70 10.69 14.22 7.89
CA PHE B 70 11.15 14.98 9.07
C PHE B 70 12.00 16.18 8.67
N LYS B 71 11.92 17.25 9.45
CA LYS B 71 12.76 18.48 9.31
C LYS B 71 13.32 18.76 10.70
N ASP B 72 14.64 18.66 10.88
CA ASP B 72 15.32 18.87 12.19
C ASP B 72 14.67 17.95 13.23
N GLU B 73 14.51 16.65 12.89
CA GLU B 73 14.08 15.54 13.78
C GLU B 73 12.58 15.61 14.13
N LYS B 74 11.83 16.52 13.54
CA LYS B 74 10.38 16.69 13.83
C LYS B 74 9.61 16.29 12.57
N PRO B 75 8.56 15.47 12.68
CA PRO B 75 7.75 15.10 11.52
C PRO B 75 7.11 16.35 10.93
N VAL B 76 7.09 16.44 9.59
CA VAL B 76 6.42 17.57 8.90
C VAL B 76 5.44 17.07 7.86
N LEU B 77 5.63 15.89 7.28
CA LEU B 77 4.69 15.44 6.23
C LEU B 77 4.57 13.91 6.20
N THR B 78 3.33 13.42 6.15
CA THR B 78 3.04 11.99 5.92
C THR B 78 2.69 11.81 4.45
N VAL B 79 3.17 10.71 3.87
CA VAL B 79 2.81 10.33 2.48
C VAL B 79 2.60 8.83 2.43
N GLY B 80 1.68 8.41 1.59
CA GLY B 80 1.45 7.02 1.21
C GLY B 80 0.42 6.93 0.11
N SER B 81 0.30 5.76 -0.48
CA SER B 81 -0.63 5.54 -1.60
C SER B 81 -0.89 4.06 -1.76
N PRO B 82 -2.09 3.72 -2.29
CA PRO B 82 -2.30 2.45 -2.97
C PRO B 82 -1.77 2.44 -4.42
N GLY B 83 -1.84 1.26 -5.06
CA GLY B 83 -1.59 1.10 -6.51
C GLY B 83 -0.46 0.15 -6.90
N GLY B 84 -0.17 -0.90 -6.12
CA GLY B 84 0.86 -1.90 -6.44
C GLY B 84 2.22 -1.29 -6.69
N THR B 85 2.87 -1.66 -7.79
CA THR B 85 4.26 -1.18 -8.10
C THR B 85 4.26 0.34 -8.33
N THR B 86 3.12 0.95 -8.70
CA THR B 86 3.00 2.41 -8.96
C THR B 86 3.11 3.20 -7.66
N ILE B 87 2.89 2.58 -6.50
CA ILE B 87 2.95 3.30 -5.19
C ILE B 87 4.26 4.10 -5.15
N ILE B 88 5.38 3.44 -5.46
CA ILE B 88 6.72 4.10 -5.43
C ILE B 88 6.63 5.39 -6.23
N ALA B 89 6.00 5.34 -7.42
CA ALA B 89 5.86 6.48 -8.35
C ALA B 89 4.97 7.55 -7.69
N SER B 90 3.86 7.17 -7.06
CA SER B 90 2.94 8.16 -6.44
C SER B 90 3.65 8.85 -5.29
N VAL B 91 4.44 8.11 -4.49
CA VAL B 91 5.01 8.69 -3.27
C VAL B 91 6.18 9.60 -3.66
N PHE B 92 7.08 9.15 -4.54
CA PHE B 92 8.27 9.98 -4.88
C PHE B 92 7.80 11.22 -5.64
N GLN B 93 6.80 11.13 -6.51
CA GLN B 93 6.35 12.31 -7.30
C GLN B 93 5.72 13.34 -6.37
N THR B 94 4.94 12.90 -5.37
CA THR B 94 4.29 13.81 -4.39
C THR B 94 5.38 14.60 -3.64
N ILE B 95 6.40 13.87 -3.19
CA ILE B 95 7.53 14.43 -2.41
C ILE B 95 8.33 15.37 -3.32
N LEU B 96 8.59 14.95 -4.55
CA LEU B 96 9.29 15.79 -5.54
C LEU B 96 8.50 17.09 -5.74
N ASN B 97 7.20 16.99 -5.96
CA ASN B 97 6.35 18.15 -6.29
C ASN B 97 6.32 19.10 -5.08
N TYR B 98 6.27 18.54 -3.86
CA TYR B 98 6.18 19.36 -2.64
C TYR B 98 7.53 20.03 -2.34
N PHE B 99 8.60 19.25 -2.26
CA PHE B 99 9.90 19.75 -1.73
C PHE B 99 10.77 20.31 -2.85
N GLU B 100 10.77 19.73 -4.04
CA GLU B 100 11.67 20.18 -5.15
C GLU B 100 10.97 21.32 -5.90
N TYR B 101 9.69 21.16 -6.24
CA TYR B 101 8.92 22.19 -6.98
C TYR B 101 8.34 23.24 -6.05
N GLY B 102 8.17 22.95 -4.76
CA GLY B 102 7.58 23.90 -3.80
C GLY B 102 6.09 24.10 -4.06
N MET B 103 5.37 23.11 -4.56
CA MET B 103 3.91 23.19 -4.76
C MET B 103 3.22 23.13 -3.39
N SER B 104 2.02 23.67 -3.30
CA SER B 104 1.04 23.35 -2.23
C SER B 104 0.90 21.83 -2.14
N LEU B 105 0.49 21.32 -0.98
CA LEU B 105 0.32 19.87 -0.76
C LEU B 105 -0.74 19.35 -1.74
N GLN B 106 -1.85 20.09 -1.88
CA GLN B 106 -2.93 19.63 -2.78
C GLN B 106 -2.46 19.64 -4.23
N ASP B 107 -1.71 20.64 -4.66
CA ASP B 107 -1.12 20.65 -6.02
C ASP B 107 -0.12 19.49 -6.18
N ALA B 108 0.73 19.23 -5.19
CA ALA B 108 1.74 18.16 -5.24
C ALA B 108 1.06 16.81 -5.50
N ILE B 109 -0.09 16.59 -4.86
CA ILE B 109 -0.89 15.35 -4.97
C ILE B 109 -1.63 15.30 -6.31
N GLU B 110 -2.21 16.42 -6.75
CA GLU B 110 -3.13 16.43 -7.92
C GLU B 110 -2.34 16.46 -9.22
N GLU B 111 -1.12 17.01 -9.20
CA GLU B 111 -0.22 17.05 -10.37
C GLU B 111 -0.19 15.67 -11.06
N PRO B 112 -0.44 15.60 -12.38
CA PRO B 112 -0.45 14.30 -13.04
C PRO B 112 0.89 13.56 -12.81
N ARG B 113 0.75 12.30 -12.47
CA ARG B 113 1.87 11.36 -12.24
C ARG B 113 2.11 10.56 -13.51
N ILE B 114 3.32 10.02 -13.62
CA ILE B 114 3.63 8.98 -14.62
C ILE B 114 4.19 7.77 -13.86
N TYR B 115 4.13 6.64 -14.52
CA TYR B 115 4.70 5.38 -14.02
C TYR B 115 5.21 4.61 -15.23
N THR B 116 6.41 4.09 -15.10
CA THR B 116 6.97 3.10 -16.06
C THR B 116 7.97 2.23 -15.32
N ASN B 117 7.65 0.95 -15.14
CA ASN B 117 8.55 0.00 -14.44
C ASN B 117 9.49 -0.68 -15.43
N SER B 118 9.28 -0.49 -16.74
CA SER B 118 10.06 -1.25 -17.76
C SER B 118 9.85 -0.58 -19.11
N LEU B 119 10.64 -0.96 -20.12
CA LEU B 119 10.47 -0.45 -21.50
C LEU B 119 9.10 -0.81 -22.05
N THR B 120 8.41 -1.79 -21.49
CA THR B 120 7.13 -2.29 -22.07
C THR B 120 5.92 -1.81 -21.27
N SER B 121 6.10 -1.00 -20.24
CA SER B 121 5.00 -0.71 -19.28
C SER B 121 5.01 0.78 -18.94
N TYR B 122 4.04 1.55 -19.43
CA TYR B 122 3.89 3.00 -19.16
C TYR B 122 2.43 3.31 -18.79
N ARG B 123 2.27 4.18 -17.80
CA ARG B 123 0.96 4.81 -17.45
C ARG B 123 1.19 6.28 -17.15
N TYR B 124 0.17 7.09 -17.39
CA TYR B 124 0.21 8.53 -17.10
C TYR B 124 -1.20 8.99 -16.78
N GLU B 125 -1.28 10.01 -15.93
CA GLU B 125 -2.57 10.62 -15.56
C GLU B 125 -2.93 11.70 -16.59
N SER B 126 -4.22 11.93 -16.74
CA SER B 126 -4.74 13.04 -17.58
CA SER B 126 -4.77 13.05 -17.55
C SER B 126 -4.13 14.36 -17.09
N GLY B 127 -3.67 15.17 -18.03
CA GLY B 127 -3.03 16.45 -17.74
C GLY B 127 -1.64 16.53 -18.35
N MET B 128 -1.00 15.40 -18.67
CA MET B 128 0.24 15.43 -19.49
C MET B 128 -0.16 16.08 -20.80
N PRO B 129 0.47 17.19 -21.24
CA PRO B 129 0.13 17.79 -22.53
C PRO B 129 0.35 16.81 -23.69
N GLU B 130 -0.60 16.78 -24.63
CA GLU B 130 -0.60 15.92 -25.84
C GLU B 130 0.72 16.06 -26.62
N ASP B 131 1.15 17.29 -26.86
CA ASP B 131 2.39 17.60 -27.62
C ASP B 131 3.59 17.01 -26.86
N VAL B 132 3.60 17.09 -25.53
CA VAL B 132 4.74 16.53 -24.75
C VAL B 132 4.70 15.00 -24.86
N ARG B 133 3.51 14.40 -24.76
CA ARG B 133 3.30 12.93 -24.91
C ARG B 133 3.89 12.48 -26.24
N ARG B 134 3.56 13.16 -27.33
CA ARG B 134 4.10 12.83 -28.69
C ARG B 134 5.62 12.95 -28.72
N LYS B 135 6.19 14.01 -28.16
CA LYS B 135 7.65 14.20 -28.11
C LYS B 135 8.28 13.05 -27.31
N LEU B 136 7.71 12.69 -26.16
CA LEU B 136 8.23 11.58 -25.32
C LEU B 136 8.23 10.30 -26.13
N ASN B 137 7.12 10.00 -26.80
CA ASN B 137 7.00 8.75 -27.58
C ASN B 137 7.94 8.78 -28.79
N ASP B 138 8.08 9.91 -29.47
CA ASP B 138 9.03 10.01 -30.61
C ASP B 138 10.45 9.70 -30.15
N PHE B 139 10.78 10.00 -28.89
CA PHE B 139 12.09 9.82 -28.25
C PHE B 139 12.29 8.36 -27.83
N GLY B 140 11.22 7.58 -27.73
CA GLY B 140 11.33 6.14 -27.47
C GLY B 140 10.37 5.66 -26.37
N HIS B 141 9.60 6.55 -25.74
CA HIS B 141 8.66 6.15 -24.65
C HIS B 141 7.38 5.54 -25.24
N LYS B 142 6.52 5.00 -24.39
CA LYS B 142 5.29 4.30 -24.88
C LYS B 142 4.07 4.73 -24.05
N PHE B 143 3.87 6.03 -23.88
CA PHE B 143 2.64 6.56 -23.29
C PHE B 143 1.50 6.40 -24.29
N GLY B 144 0.48 5.62 -23.90
CA GLY B 144 -0.65 5.30 -24.80
C GLY B 144 -1.58 6.48 -24.97
N SER B 145 -2.67 6.29 -25.72
N SER B 145 -2.68 6.28 -25.71
CA SER B 145 -3.69 7.31 -26.05
CA SER B 145 -3.68 7.31 -26.07
C SER B 145 -4.57 7.59 -24.84
C SER B 145 -4.62 7.55 -24.89
N ASN B 146 -4.66 6.64 -23.91
CA ASN B 146 -5.57 6.71 -22.75
C ASN B 146 -4.79 6.96 -21.47
N PRO B 147 -5.09 8.08 -20.79
CA PRO B 147 -4.60 8.32 -19.43
C PRO B 147 -5.35 7.49 -18.38
N VAL B 148 -4.73 7.23 -17.24
CA VAL B 148 -5.37 6.47 -16.13
CA VAL B 148 -5.34 6.45 -16.13
C VAL B 148 -5.00 7.16 -14.81
N ASP B 149 -5.89 7.11 -13.84
CA ASP B 149 -5.58 7.63 -12.50
C ASP B 149 -4.48 6.73 -11.95
N ILE B 150 -3.51 7.34 -11.27
CA ILE B 150 -2.42 6.61 -10.60
C ILE B 150 -2.47 6.93 -9.11
N GLY B 151 -2.71 5.89 -8.30
CA GLY B 151 -2.66 5.97 -6.83
C GLY B 151 -3.71 6.90 -6.25
N ASN B 152 -3.52 7.24 -4.98
CA ASN B 152 -4.53 7.83 -4.07
C ASN B 152 -3.78 8.29 -2.82
N VAL B 153 -3.14 9.44 -2.88
CA VAL B 153 -2.30 9.95 -1.77
C VAL B 153 -3.18 10.69 -0.76
N GLN B 154 -3.15 10.22 0.48
CA GLN B 154 -3.60 10.96 1.67
C GLN B 154 -2.34 11.43 2.38
N SER B 155 -2.31 12.70 2.76
CA SER B 155 -1.14 13.36 3.42
CA SER B 155 -1.14 13.36 3.40
C SER B 155 -1.60 14.33 4.50
N ILE B 156 -0.81 14.43 5.54
CA ILE B 156 -0.96 15.49 6.58
C ILE B 156 0.35 16.27 6.60
N PHE B 157 0.26 17.58 6.47
CA PHE B 157 1.36 18.53 6.73
C PHE B 157 1.22 19.04 8.17
N ILE B 158 2.32 19.00 8.94
CA ILE B 158 2.35 19.50 10.34
C ILE B 158 3.03 20.87 10.27
N ASP B 159 2.24 21.92 10.43
CA ASP B 159 2.65 23.34 10.27
C ASP B 159 2.94 23.94 11.66
N ARG B 160 4.20 23.86 12.09
CA ARG B 160 4.67 24.38 13.41
C ARG B 160 4.77 25.91 13.40
N GLU B 161 4.90 26.56 12.25
CA GLU B 161 4.84 28.05 12.13
C GLU B 161 3.42 28.51 12.48
N ASN B 162 2.41 27.88 11.91
CA ASN B 162 1.00 28.30 12.04
C ASN B 162 0.29 27.50 13.14
N LYS B 163 0.98 26.57 13.81
CA LYS B 163 0.43 25.71 14.88
C LYS B 163 -0.85 25.03 14.38
N THR B 164 -0.82 24.45 13.18
CA THR B 164 -1.97 23.71 12.60
C THR B 164 -1.50 22.41 11.95
N PHE B 165 -2.45 21.53 11.73
CA PHE B 165 -2.36 20.40 10.79
C PHE B 165 -3.16 20.73 9.53
N MET B 166 -2.62 20.34 8.37
CA MET B 166 -3.36 20.36 7.09
C MET B 166 -3.40 18.93 6.52
N GLY B 167 -4.61 18.45 6.28
CA GLY B 167 -4.89 17.11 5.72
C GLY B 167 -5.36 17.27 4.30
N VAL B 168 -4.86 16.40 3.42
CA VAL B 168 -5.27 16.40 2.00
C VAL B 168 -5.61 14.97 1.59
N ALA B 169 -6.73 14.81 0.91
CA ALA B 169 -7.18 13.53 0.35
C ALA B 169 -7.16 13.70 -1.16
N ASP B 170 -6.58 12.73 -1.85
CA ASP B 170 -6.48 12.71 -3.33
C ASP B 170 -7.91 12.70 -3.92
N SER B 171 -8.08 13.41 -5.02
CA SER B 171 -9.35 13.39 -5.83
C SER B 171 -9.57 12.02 -6.51
N SER B 172 -8.61 11.09 -6.54
CA SER B 172 -8.75 9.82 -7.29
C SER B 172 -9.73 8.88 -6.60
N ARG B 173 -10.07 9.11 -5.32
CA ARG B 173 -11.14 8.40 -4.58
C ARG B 173 -11.99 9.44 -3.83
N ASN B 174 -13.05 9.02 -3.13
CA ASN B 174 -13.96 9.95 -2.42
C ASN B 174 -13.42 10.24 -1.00
N GLY B 175 -12.10 10.11 -0.78
CA GLY B 175 -11.47 10.34 0.53
C GLY B 175 -11.66 11.76 1.04
N THR B 176 -11.55 11.95 2.35
CA THR B 176 -11.70 13.26 3.00
C THR B 176 -10.61 13.44 4.04
N ALA B 177 -10.31 14.70 4.34
CA ALA B 177 -9.50 15.15 5.49
C ALA B 177 -10.47 15.80 6.47
N VAL B 178 -10.34 15.45 7.75
CA VAL B 178 -11.19 16.00 8.83
C VAL B 178 -10.27 16.44 9.96
N GLY B 179 -10.23 17.75 10.17
CA GLY B 179 -9.43 18.40 11.22
C GLY B 179 -10.17 18.33 12.53
N VAL B 180 -9.46 18.49 13.66
CA VAL B 180 -10.08 18.46 15.01
C VAL B 180 -9.59 19.67 15.80
N ASN B 181 -10.54 20.36 16.47
CA ASN B 181 -10.28 21.52 17.37
C ASN B 181 -10.81 21.20 18.77
N ASN B 182 -10.00 21.58 19.77
CA ASN B 182 -9.97 21.14 21.21
C ASN B 182 -10.88 19.93 21.38
CA CA C . 5.27 -31.71 -19.37
C1 GOL D . 6.41 -13.85 13.06
O1 GOL D . 7.64 -14.04 13.75
C2 GOL D . 6.02 -15.08 12.26
O2 GOL D . 4.61 -15.16 12.14
C3 GOL D . 6.58 -16.36 12.84
O3 GOL D . 7.53 -16.93 11.92
C1 GOL E . -8.89 -8.57 -11.06
O1 GOL E . -8.49 -8.73 -9.70
C2 GOL E . -9.79 -9.68 -11.47
O2 GOL E . -11.08 -9.55 -10.85
C3 GOL E . -9.09 -10.97 -11.08
O3 GOL E . -8.73 -11.73 -12.23
CA CA F . 15.81 21.64 -5.41
CA CA G . -4.18 11.92 -9.72
C1 EDO H . 1.09 1.47 -23.03
O1 EDO H . 1.06 2.13 -24.30
C2 EDO H . 2.40 0.80 -22.80
O2 EDO H . 2.48 0.20 -21.52
O AZS I . 2.56 -3.77 -2.96
C AZS I . 1.60 -4.45 -2.52
OXT AZS I . 1.68 -4.93 -1.40
CA AZS I . 0.36 -4.67 -3.37
N AZS I . -0.20 -6.03 -3.12
CB AZS I . -0.68 -3.59 -3.13
OG AZS I . -1.73 -3.64 -4.17
CH AZS I . -2.51 -2.53 -4.28
CI AZS I . -3.93 -2.87 -4.51
OH AZS I . -2.11 -1.39 -4.16
#